data_2JFH
#
_entry.id   2JFH
#
_cell.length_a   65.593
_cell.length_b   65.593
_cell.length_c   135.485
_cell.angle_alpha   90.00
_cell.angle_beta   90.00
_cell.angle_gamma   90.00
#
_symmetry.space_group_name_H-M   'P 41'
#
loop_
_entity.id
_entity.type
_entity.pdbx_description
1 polymer 'UDP-N-ACETYLMURAMOYL-ALANINE-D-GLUTAMATE LIGASE'
2 non-polymer 'N-[(6-BUTOXYNAPHTHALEN-2-YL)SULFONYL]-L-GLUTAMIC ACID'
3 non-polymer 'SULFATE ION'
4 water water
#
_entity_poly.entity_id   1
_entity_poly.type   'polypeptide(L)'
_entity_poly.pdbx_seq_one_letter_code
;MADYQGKNVVIIGLGLTGLSCVDFFLARGVTPRVMDTRMTPPGLDKLPEAVERHTGSLNDEWLMAADLIVASPGIALAHP
SLSAAADAGIEIVGDIELFCREAQAPIVAITGSNGKSTVTTLVGEMAKAAGVNVGVGGNIGLPALMLLDDECELYVLELS
SFQLETTSSLQAVAATILNVTEDHMDRYPFGLQQYRAA(KCX)LRIYENAKVCVVNADDALTMPIRGADERCVSFGVNMG
DYHLNHQQGETWLRVKGEKVLNVKEMKLSGQHNYTNALAALALADAAGLPRASSLKALTTFTGLPHRFEVVLEHNGVRWI
NDSKATNVGSTEAALNGLHVDGTLHLLLGGDGKSADFSPLARYLNGDNVRLYCFGRDGAQLAALRPEVAEQTETMEQAMR
LLAPRVQPGDMVLLSPACASLDQFKNFEQRGNEFARLAKELGSHHHHHH
;
_entity_poly.pdbx_strand_id   A
#
loop_
_chem_comp.id
_chem_comp.type
_chem_comp.name
_chem_comp.formula
LK1 non-polymer 'N-[(6-BUTOXYNAPHTHALEN-2-YL)SULFONYL]-L-GLUTAMIC ACID' 'C19 H23 N O7 S'
SO4 non-polymer 'SULFATE ION' 'O4 S -2'
#
# COMPACT_ATOMS: atom_id res chain seq x y z
N ALA A 2 -9.37 26.41 -6.15
CA ALA A 2 -9.66 26.04 -7.51
C ALA A 2 -11.15 26.00 -7.79
N ASP A 3 -11.50 26.37 -9.01
CA ASP A 3 -12.87 26.58 -9.45
C ASP A 3 -13.00 25.85 -10.81
N TYR A 4 -13.93 24.88 -10.95
CA TYR A 4 -13.92 24.07 -12.17
C TYR A 4 -15.03 24.42 -13.12
N GLN A 5 -15.82 25.41 -12.73
CA GLN A 5 -17.02 25.73 -13.48
C GLN A 5 -16.71 26.04 -14.94
N GLY A 6 -17.52 25.49 -15.84
CA GLY A 6 -17.31 25.70 -17.27
C GLY A 6 -16.18 24.93 -17.92
N LYS A 7 -15.53 24.06 -17.14
CA LYS A 7 -14.47 23.22 -17.67
C LYS A 7 -15.02 21.87 -18.22
N ASN A 8 -14.45 21.43 -19.36
CA ASN A 8 -14.70 20.13 -19.90
C ASN A 8 -13.75 19.18 -19.15
N VAL A 9 -14.32 18.39 -18.24
CA VAL A 9 -13.53 17.50 -17.39
C VAL A 9 -13.70 16.05 -17.84
N VAL A 10 -12.57 15.33 -17.89
CA VAL A 10 -12.55 13.93 -18.23
C VAL A 10 -11.84 13.12 -17.14
N ILE A 11 -12.51 12.08 -16.67
CA ILE A 11 -11.98 11.18 -15.65
C ILE A 11 -11.65 9.84 -16.34
N ILE A 12 -10.44 9.36 -16.11
CA ILE A 12 -10.04 8.08 -16.60
C ILE A 12 -10.04 7.14 -15.39
N GLY A 13 -10.82 6.07 -15.48
CA GLY A 13 -10.91 5.11 -14.40
C GLY A 13 -12.16 5.29 -13.56
N LEU A 14 -12.92 4.21 -13.41
CA LEU A 14 -14.08 4.22 -12.52
C LEU A 14 -13.73 3.67 -11.14
N GLY A 15 -14.56 2.75 -10.66
CA GLY A 15 -14.45 2.29 -9.28
C GLY A 15 -14.82 3.36 -8.28
N LEU A 16 -14.68 3.05 -6.99
CA LEU A 16 -15.02 4.00 -5.93
C LEU A 16 -14.27 5.36 -6.08
N THR A 17 -13.03 5.30 -6.53
CA THR A 17 -12.17 6.48 -6.71
C THR A 17 -12.64 7.34 -7.90
N GLY A 18 -12.82 6.69 -9.06
CA GLY A 18 -13.47 7.33 -10.21
C GLY A 18 -14.81 7.93 -9.84
N LEU A 19 -15.63 7.17 -9.10
CA LEU A 19 -16.92 7.69 -8.60
C LEU A 19 -16.80 8.80 -7.60
N SER A 20 -15.82 8.71 -6.69
CA SER A 20 -15.60 9.84 -5.78
C SER A 20 -15.22 11.10 -6.58
N CYS A 21 -14.41 10.93 -7.63
CA CYS A 21 -14.13 12.09 -8.52
C CYS A 21 -15.40 12.64 -9.21
N VAL A 22 -16.23 11.74 -9.70
CA VAL A 22 -17.47 12.12 -10.35
C VAL A 22 -18.39 12.88 -9.38
N ASP A 23 -18.59 12.34 -8.18
CA ASP A 23 -19.35 13.04 -7.15
C ASP A 23 -18.77 14.45 -6.85
N PHE A 24 -17.45 14.53 -6.82
CA PHE A 24 -16.70 15.78 -6.50
C PHE A 24 -17.08 16.85 -7.48
N PHE A 25 -17.16 16.48 -8.73
CA PHE A 25 -17.41 17.46 -9.79
C PHE A 25 -18.87 17.78 -9.86
N LEU A 26 -19.73 16.77 -9.75
CA LEU A 26 -21.17 17.02 -9.76
C LEU A 26 -21.60 18.04 -8.68
N ALA A 27 -21.21 17.77 -7.44
CA ALA A 27 -21.46 18.62 -6.27
C ALA A 27 -20.97 20.04 -6.43
N ARG A 28 -20.01 20.23 -7.34
CA ARG A 28 -19.52 21.57 -7.73
C ARG A 28 -20.23 22.16 -8.95
N GLY A 29 -21.27 21.47 -9.44
CA GLY A 29 -21.96 21.99 -10.62
C GLY A 29 -21.18 21.79 -11.91
N VAL A 30 -20.50 20.64 -12.01
CA VAL A 30 -19.77 20.27 -13.20
C VAL A 30 -20.02 18.83 -13.57
N THR A 31 -20.52 18.59 -14.77
CA THR A 31 -20.74 17.23 -15.23
C THR A 31 -19.52 16.76 -16.03
N PRO A 32 -18.74 15.80 -15.48
CA PRO A 32 -17.59 15.29 -16.25
C PRO A 32 -17.98 14.12 -17.14
N ARG A 33 -17.10 13.76 -18.07
CA ARG A 33 -17.22 12.54 -18.84
C ARG A 33 -16.23 11.53 -18.22
N VAL A 34 -16.50 10.24 -18.37
CA VAL A 34 -15.68 9.14 -17.76
C VAL A 34 -15.27 8.09 -18.80
N MET A 35 -14.02 7.67 -18.79
CA MET A 35 -13.61 6.58 -19.62
C MET A 35 -12.76 5.59 -18.82
N ASP A 36 -12.82 4.33 -19.24
CA ASP A 36 -12.08 3.28 -18.58
C ASP A 36 -11.67 2.34 -19.71
N THR A 37 -10.46 1.80 -19.62
CA THR A 37 -9.95 0.91 -20.67
C THR A 37 -10.63 -0.47 -20.58
N ARG A 38 -11.23 -0.77 -19.42
CA ARG A 38 -12.01 -1.99 -19.13
C ARG A 38 -13.46 -1.85 -19.63
N MET A 39 -14.04 -2.94 -20.11
CA MET A 39 -15.39 -2.90 -20.72
C MET A 39 -16.49 -2.62 -19.71
N THR A 40 -16.47 -3.36 -18.59
CA THR A 40 -17.50 -3.16 -17.56
C THR A 40 -16.82 -2.88 -16.22
N PRO A 41 -16.27 -1.66 -16.05
CA PRO A 41 -15.48 -1.41 -14.84
C PRO A 41 -16.40 -1.35 -13.63
N PRO A 42 -15.86 -1.58 -12.42
CA PRO A 42 -16.65 -1.44 -11.18
C PRO A 42 -17.29 -0.06 -11.02
N GLY A 43 -18.44 0.01 -10.38
CA GLY A 43 -19.10 1.30 -10.17
C GLY A 43 -19.90 1.85 -11.35
N LEU A 44 -19.68 1.29 -12.56
CA LEU A 44 -20.44 1.66 -13.77
C LEU A 44 -21.91 1.81 -13.45
N ASP A 45 -22.43 0.82 -12.72
CA ASP A 45 -23.80 0.79 -12.17
C ASP A 45 -24.24 1.96 -11.29
N LYS A 46 -23.31 2.57 -10.57
CA LYS A 46 -23.67 3.68 -9.72
C LYS A 46 -23.69 5.01 -10.46
N LEU A 47 -23.04 5.03 -11.61
CA LEU A 47 -22.86 6.24 -12.40
C LEU A 47 -24.20 6.83 -12.81
N PRO A 48 -24.45 8.07 -12.42
CA PRO A 48 -25.68 8.76 -12.81
C PRO A 48 -25.88 8.88 -14.33
N GLU A 49 -26.85 8.17 -14.86
CA GLU A 49 -27.13 8.19 -16.29
C GLU A 49 -26.77 9.51 -17.01
N ALA A 50 -26.90 10.64 -16.32
CA ALA A 50 -26.49 11.94 -16.87
C ALA A 50 -24.99 12.13 -17.24
N VAL A 51 -24.11 11.27 -16.74
CA VAL A 51 -22.69 11.36 -17.11
C VAL A 51 -22.41 10.45 -18.29
N GLU A 52 -21.94 10.99 -19.41
CA GLU A 52 -21.58 10.10 -20.49
C GLU A 52 -20.29 9.30 -20.17
N ARG A 53 -20.28 8.04 -20.61
CA ARG A 53 -19.13 7.18 -20.29
C ARG A 53 -18.63 6.47 -21.55
N HIS A 54 -17.33 6.17 -21.59
CA HIS A 54 -16.70 5.48 -22.71
C HIS A 54 -15.89 4.36 -22.12
N THR A 55 -16.24 3.14 -22.49
CA THR A 55 -15.54 2.01 -21.92
C THR A 55 -14.91 1.10 -22.93
N GLY A 56 -14.03 0.28 -22.43
CA GLY A 56 -13.27 -0.67 -23.25
C GLY A 56 -12.04 -0.15 -23.98
N SER A 57 -11.78 1.15 -23.83
CA SER A 57 -10.65 1.80 -24.49
C SER A 57 -10.66 3.25 -24.02
N LEU A 58 -9.56 3.95 -24.29
CA LEU A 58 -9.47 5.39 -24.16
C LEU A 58 -10.04 6.12 -25.38
N ASN A 59 -10.77 7.20 -25.14
CA ASN A 59 -11.35 7.98 -26.22
C ASN A 59 -10.52 9.26 -26.46
N ASP A 60 -9.66 9.24 -27.50
CA ASP A 60 -8.79 10.40 -27.82
C ASP A 60 -9.56 11.67 -28.18
N GLU A 61 -10.72 11.51 -28.83
CA GLU A 61 -11.58 12.67 -29.12
C GLU A 61 -11.99 13.40 -27.82
N TRP A 62 -12.36 12.62 -26.81
CA TRP A 62 -12.69 13.16 -25.48
C TRP A 62 -11.48 13.80 -24.77
N LEU A 63 -10.37 13.08 -24.78
CA LEU A 63 -9.16 13.57 -24.11
C LEU A 63 -8.66 14.91 -24.71
N MET A 64 -8.46 14.93 -26.03
CA MET A 64 -7.92 16.09 -26.71
C MET A 64 -8.86 17.28 -26.68
N ALA A 65 -10.15 17.06 -26.38
CA ALA A 65 -11.12 18.18 -26.25
C ALA A 65 -11.21 18.67 -24.78
N ALA A 66 -10.56 17.93 -23.88
CA ALA A 66 -10.63 18.21 -22.44
C ALA A 66 -9.86 19.46 -22.03
N ASP A 67 -10.40 20.16 -21.00
CA ASP A 67 -9.66 21.26 -20.27
C ASP A 67 -8.89 20.71 -19.04
N LEU A 68 -9.33 19.55 -18.56
CA LEU A 68 -8.74 18.91 -17.41
C LEU A 68 -8.95 17.42 -17.53
N ILE A 69 -7.88 16.65 -17.34
CA ILE A 69 -7.97 15.19 -17.31
C ILE A 69 -7.62 14.75 -15.88
N VAL A 70 -8.47 13.95 -15.27
CA VAL A 70 -8.25 13.47 -13.91
C VAL A 70 -7.99 11.98 -14.10
N ALA A 71 -6.74 11.62 -13.93
CA ALA A 71 -6.25 10.29 -14.23
C ALA A 71 -6.16 9.42 -12.98
N SER A 72 -6.85 8.29 -12.99
CA SER A 72 -6.66 7.30 -11.94
C SER A 72 -5.19 6.92 -11.88
N PRO A 73 -4.71 6.62 -10.68
CA PRO A 73 -3.37 6.06 -10.50
C PRO A 73 -3.15 4.80 -11.31
N GLY A 74 -4.22 4.10 -11.66
CA GLY A 74 -4.17 2.88 -12.47
C GLY A 74 -3.83 3.07 -13.95
N ILE A 75 -3.86 4.31 -14.45
CA ILE A 75 -3.41 4.54 -15.83
C ILE A 75 -2.03 5.22 -15.88
N ALA A 76 -1.17 4.78 -16.78
CA ALA A 76 0.16 5.38 -16.89
C ALA A 76 0.13 6.75 -17.58
N LEU A 77 0.79 7.73 -16.96
CA LEU A 77 1.05 9.02 -17.64
C LEU A 77 1.72 8.82 -18.99
N ALA A 78 2.53 7.76 -19.06
CA ALA A 78 3.23 7.32 -20.28
C ALA A 78 2.35 6.75 -21.38
N HIS A 79 1.07 6.50 -21.09
CA HIS A 79 0.15 5.97 -22.09
C HIS A 79 0.09 6.98 -23.25
N PRO A 80 0.26 6.49 -24.51
CA PRO A 80 0.32 7.38 -25.68
C PRO A 80 -0.80 8.43 -25.76
N SER A 81 -2.02 8.02 -25.41
CA SER A 81 -3.17 8.94 -25.44
C SER A 81 -2.98 10.08 -24.42
N LEU A 82 -2.49 9.72 -23.25
CA LEU A 82 -2.20 10.69 -22.21
C LEU A 82 -0.93 11.52 -22.47
N SER A 83 0.11 10.93 -23.07
CA SER A 83 1.29 11.72 -23.45
C SER A 83 0.92 12.78 -24.49
N ALA A 84 0.17 12.38 -25.51
CA ALA A 84 -0.42 13.29 -26.51
C ALA A 84 -1.13 14.49 -25.89
N ALA A 85 -1.91 14.25 -24.83
CA ALA A 85 -2.65 15.34 -24.20
C ALA A 85 -1.70 16.30 -23.43
N ALA A 86 -0.78 15.74 -22.65
CA ALA A 86 0.23 16.57 -22.00
C ALA A 86 1.05 17.37 -23.04
N ASP A 87 1.40 16.76 -24.17
CA ASP A 87 2.14 17.48 -25.20
C ASP A 87 1.29 18.64 -25.72
N ALA A 88 -0.03 18.46 -25.73
CA ALA A 88 -0.94 19.50 -26.18
C ALA A 88 -1.13 20.55 -25.11
N GLY A 89 -0.56 20.32 -23.94
CA GLY A 89 -0.65 21.27 -22.84
C GLY A 89 -1.91 21.15 -22.02
N ILE A 90 -2.62 20.02 -22.18
CA ILE A 90 -3.83 19.76 -21.42
C ILE A 90 -3.44 19.28 -20.01
N GLU A 91 -4.00 19.98 -19.02
CA GLU A 91 -3.70 19.72 -17.60
C GLU A 91 -4.19 18.33 -17.19
N ILE A 92 -3.30 17.57 -16.54
CA ILE A 92 -3.55 16.20 -16.06
C ILE A 92 -3.25 16.17 -14.55
N VAL A 93 -4.23 15.79 -13.76
CA VAL A 93 -4.10 15.70 -12.31
C VAL A 93 -4.72 14.36 -11.89
N GLY A 94 -4.61 14.00 -10.60
CA GLY A 94 -5.34 12.85 -10.05
C GLY A 94 -6.23 13.31 -8.89
N ASP A 95 -6.97 12.35 -8.36
CA ASP A 95 -7.78 12.59 -7.16
C ASP A 95 -7.02 13.28 -6.01
N ILE A 96 -5.77 12.88 -5.75
CA ILE A 96 -5.05 13.39 -4.56
C ILE A 96 -4.76 14.86 -4.76
N GLU A 97 -4.44 15.24 -6.01
CA GLU A 97 -4.25 16.63 -6.37
C GLU A 97 -5.55 17.43 -6.14
N LEU A 98 -6.68 16.90 -6.57
CA LEU A 98 -7.94 17.60 -6.34
C LEU A 98 -8.21 17.79 -4.85
N PHE A 99 -7.95 16.75 -4.07
CA PHE A 99 -8.12 16.78 -2.62
C PHE A 99 -7.23 17.86 -1.97
N CYS A 100 -5.92 17.85 -2.28
CA CYS A 100 -4.96 18.81 -1.72
C CYS A 100 -5.39 20.27 -2.00
N ARG A 101 -5.95 20.54 -3.17
CA ARG A 101 -6.42 21.90 -3.51
C ARG A 101 -7.55 22.38 -2.65
N GLU A 102 -8.31 21.43 -2.11
CA GLU A 102 -9.47 21.72 -1.26
C GLU A 102 -9.28 21.52 0.25
N ALA A 103 -8.33 20.67 0.63
CA ALA A 103 -8.16 20.34 2.01
C ALA A 103 -7.96 21.59 2.91
N GLN A 104 -8.65 21.62 4.04
CA GLN A 104 -8.57 22.75 5.00
C GLN A 104 -7.98 22.35 6.34
N ALA A 105 -7.22 21.27 6.37
CA ALA A 105 -6.61 20.82 7.60
C ALA A 105 -5.25 20.28 7.20
N PRO A 106 -4.27 20.20 8.14
CA PRO A 106 -2.98 19.66 7.79
C PRO A 106 -3.08 18.24 7.30
N ILE A 107 -2.09 17.86 6.50
CA ILE A 107 -2.01 16.54 5.90
C ILE A 107 -0.70 15.84 6.28
N VAL A 108 -0.83 14.65 6.82
CA VAL A 108 0.32 13.79 7.02
C VAL A 108 0.36 12.79 5.85
N ALA A 109 1.42 12.81 5.05
CA ALA A 109 1.54 11.96 3.86
C ALA A 109 2.57 10.83 3.98
N ILE A 110 2.13 9.61 3.69
CA ILE A 110 2.95 8.39 3.89
C ILE A 110 3.05 7.58 2.60
N THR A 111 4.27 7.32 2.13
CA THR A 111 4.42 6.34 1.02
C THR A 111 5.58 5.38 1.38
N GLY A 112 5.80 4.39 0.51
CA GLY A 112 6.88 3.41 0.68
C GLY A 112 6.52 2.07 0.06
N SER A 113 7.53 1.23 -0.19
CA SER A 113 7.28 -0.09 -0.75
C SER A 113 6.58 -1.04 0.26
N ASN A 114 6.89 -0.90 1.56
CA ASN A 114 6.28 -1.70 2.62
C ASN A 114 6.05 -0.83 3.87
N GLY A 115 5.03 -1.19 4.66
CA GLY A 115 4.69 -0.52 5.94
C GLY A 115 3.78 0.71 5.84
N LYS A 116 3.43 1.13 4.64
CA LYS A 116 2.68 2.40 4.50
C LYS A 116 1.22 2.32 5.08
N SER A 117 0.54 1.19 4.93
CA SER A 117 -0.82 1.10 5.48
C SER A 117 -0.75 1.04 6.98
N THR A 118 0.24 0.34 7.51
CA THR A 118 0.47 0.27 8.97
C THR A 118 0.73 1.66 9.60
N VAL A 119 1.68 2.38 9.04
CA VAL A 119 2.04 3.66 9.57
C VAL A 119 0.88 4.68 9.42
N THR A 120 0.20 4.67 8.26
CA THR A 120 -1.01 5.50 8.04
C THR A 120 -2.09 5.18 9.13
N THR A 121 -2.37 3.90 9.33
CA THR A 121 -3.33 3.53 10.36
C THR A 121 -2.92 3.91 11.79
N LEU A 122 -1.66 3.68 12.11
CA LEU A 122 -1.07 4.06 13.41
C LEU A 122 -1.18 5.55 13.66
N VAL A 123 -0.78 6.36 12.70
CA VAL A 123 -0.87 7.82 12.87
C VAL A 123 -2.33 8.17 13.10
N GLY A 124 -3.26 7.55 12.36
CA GLY A 124 -4.69 7.85 12.59
C GLY A 124 -5.13 7.49 14.01
N GLU A 125 -4.67 6.34 14.49
CA GLU A 125 -4.93 5.92 15.86
C GLU A 125 -4.35 6.92 16.92
N MET A 126 -3.17 7.44 16.67
CA MET A 126 -2.53 8.43 17.54
C MET A 126 -3.37 9.74 17.61
N ALA A 127 -3.88 10.17 16.46
CA ALA A 127 -4.79 11.33 16.41
C ALA A 127 -6.09 11.08 17.19
N LYS A 128 -6.72 9.93 16.93
CA LYS A 128 -7.92 9.49 17.66
C LYS A 128 -7.81 9.44 19.20
N ALA A 129 -6.74 8.81 19.69
CA ALA A 129 -6.42 8.80 21.13
C ALA A 129 -6.32 10.20 21.74
N ALA A 130 -5.94 11.19 20.93
CA ALA A 130 -5.80 12.59 21.36
C ALA A 130 -7.10 13.40 21.25
N GLY A 131 -8.14 12.80 20.70
CA GLY A 131 -9.45 13.46 20.60
C GLY A 131 -9.57 14.27 19.32
N VAL A 132 -8.62 14.07 18.42
CA VAL A 132 -8.60 14.81 17.14
C VAL A 132 -9.55 14.20 16.08
N ASN A 133 -10.37 15.04 15.44
CA ASN A 133 -11.24 14.60 14.35
C ASN A 133 -10.33 14.31 13.15
N VAL A 134 -10.10 13.05 12.87
CA VAL A 134 -9.13 12.66 11.85
C VAL A 134 -9.77 11.89 10.66
N GLY A 135 -9.28 12.16 9.47
CA GLY A 135 -9.77 11.48 8.26
C GLY A 135 -8.55 10.73 7.75
N VAL A 136 -8.70 9.44 7.66
CA VAL A 136 -7.64 8.56 7.28
C VAL A 136 -8.10 7.85 5.99
N GLY A 137 -7.25 7.83 4.96
CA GLY A 137 -7.59 7.15 3.71
C GLY A 137 -6.54 7.41 2.63
N GLY A 138 -6.99 7.55 1.40
CA GLY A 138 -6.09 7.68 0.24
C GLY A 138 -6.08 6.30 -0.42
N ASN A 139 -4.90 5.72 -0.46
CA ASN A 139 -4.61 4.49 -1.14
C ASN A 139 -5.03 3.29 -0.29
N ILE A 140 -5.33 3.59 0.97
CA ILE A 140 -5.98 2.69 1.92
C ILE A 140 -7.41 3.23 2.13
N GLY A 141 -8.35 2.35 2.53
CA GLY A 141 -9.62 2.84 3.11
C GLY A 141 -10.36 3.70 2.09
N LEU A 142 -11.07 4.74 2.57
CA LEU A 142 -11.80 5.62 1.67
C LEU A 142 -10.85 6.36 0.68
N PRO A 143 -11.27 6.50 -0.61
CA PRO A 143 -10.56 7.46 -1.48
C PRO A 143 -10.51 8.83 -0.79
N ALA A 144 -9.43 9.57 -1.01
CA ALA A 144 -9.21 10.85 -0.33
C ALA A 144 -10.36 11.86 -0.45
N LEU A 145 -10.97 11.97 -1.61
CA LEU A 145 -12.03 12.98 -1.77
C LEU A 145 -13.25 12.72 -0.90
N MET A 146 -13.45 11.45 -0.49
CA MET A 146 -14.58 11.08 0.40
C MET A 146 -14.35 11.47 1.89
N LEU A 147 -13.12 11.84 2.22
CA LEU A 147 -12.77 12.34 3.56
C LEU A 147 -12.95 13.86 3.71
N LEU A 148 -13.06 14.59 2.63
CA LEU A 148 -13.18 16.05 2.75
C LEU A 148 -14.35 16.46 3.65
N ASP A 149 -14.02 17.12 4.76
CA ASP A 149 -15.00 17.58 5.72
C ASP A 149 -14.44 18.76 6.46
N ASP A 150 -15.19 19.87 6.42
CA ASP A 150 -14.90 21.07 7.21
C ASP A 150 -14.58 20.84 8.67
N GLU A 151 -15.22 19.87 9.29
CA GLU A 151 -14.96 19.52 10.70
C GLU A 151 -13.64 18.75 10.89
N CYS A 152 -13.05 18.29 9.79
CA CYS A 152 -11.84 17.50 9.90
C CYS A 152 -10.69 18.38 10.39
N GLU A 153 -9.94 17.89 11.38
CA GLU A 153 -8.81 18.63 12.02
C GLU A 153 -7.44 18.14 11.57
N LEU A 154 -7.43 16.93 11.02
CA LEU A 154 -6.19 16.34 10.47
C LEU A 154 -6.49 15.29 9.44
N TYR A 155 -5.71 15.25 8.37
CA TYR A 155 -5.77 14.16 7.42
C TYR A 155 -4.50 13.33 7.41
N VAL A 156 -4.66 12.00 7.37
CA VAL A 156 -3.56 11.04 7.24
C VAL A 156 -3.77 10.21 6.00
N LEU A 157 -2.94 10.43 4.98
CA LEU A 157 -3.10 9.79 3.69
C LEU A 157 -1.96 8.83 3.40
N GLU A 158 -2.31 7.61 3.01
CA GLU A 158 -1.34 6.73 2.33
C GLU A 158 -1.35 7.11 0.86
N LEU A 159 -0.16 7.30 0.30
CA LEU A 159 -0.03 7.70 -1.08
C LEU A 159 0.81 6.66 -1.78
N SER A 160 0.38 6.19 -2.97
CA SER A 160 1.21 5.29 -3.78
C SER A 160 2.14 6.14 -4.68
N SER A 161 3.11 5.47 -5.30
CA SER A 161 3.97 6.18 -6.20
C SER A 161 3.11 6.67 -7.35
N PHE A 162 2.07 5.91 -7.73
CA PHE A 162 1.28 6.33 -8.89
C PHE A 162 0.49 7.65 -8.62
N GLN A 163 -0.14 7.76 -7.45
CA GLN A 163 -0.81 8.97 -7.02
C GLN A 163 0.11 10.22 -6.96
N LEU A 164 1.33 10.03 -6.46
CA LEU A 164 2.33 11.10 -6.32
C LEU A 164 2.75 11.67 -7.70
N GLU A 165 2.86 10.82 -8.72
CA GLU A 165 3.21 11.25 -10.07
C GLU A 165 2.25 12.35 -10.56
N THR A 166 0.98 12.26 -10.22
CA THR A 166 0.01 13.28 -10.70
C THR A 166 -0.37 14.33 -9.65
N THR A 167 0.39 14.40 -8.57
CA THR A 167 0.08 15.36 -7.53
C THR A 167 1.18 16.46 -7.55
N SER A 168 0.76 17.71 -7.46
CA SER A 168 1.74 18.79 -7.40
C SER A 168 1.43 19.82 -6.28
N SER A 169 0.24 19.79 -5.67
CA SER A 169 -0.13 20.83 -4.67
C SER A 169 -0.04 20.36 -3.20
N LEU A 170 0.58 19.21 -2.99
CA LEU A 170 0.70 18.62 -1.63
C LEU A 170 1.78 19.41 -0.91
N GLN A 171 1.45 19.87 0.29
CA GLN A 171 2.34 20.60 1.19
C GLN A 171 2.16 19.94 2.55
N ALA A 172 2.78 18.77 2.73
CA ALA A 172 2.54 17.98 3.90
C ALA A 172 3.13 18.64 5.15
N VAL A 173 2.38 18.57 6.25
CA VAL A 173 2.91 18.99 7.55
C VAL A 173 4.04 18.01 7.96
N ALA A 174 3.92 16.75 7.52
CA ALA A 174 4.90 15.72 7.78
C ALA A 174 4.74 14.66 6.71
N ALA A 175 5.84 14.32 6.06
CA ALA A 175 5.80 13.32 4.98
C ALA A 175 6.95 12.32 5.16
N THR A 176 6.74 11.07 4.76
CA THR A 176 7.79 10.05 4.82
C THR A 176 7.77 9.14 3.60
N ILE A 177 8.94 8.67 3.17
CA ILE A 177 9.04 7.50 2.34
C ILE A 177 9.66 6.48 3.29
N LEU A 178 8.94 5.40 3.64
CA LEU A 178 9.44 4.43 4.65
C LEU A 178 10.61 3.60 4.13
N ASN A 179 10.54 3.25 2.86
CA ASN A 179 11.58 2.39 2.25
C ASN A 179 11.27 2.42 0.76
N VAL A 180 12.25 2.04 -0.05
CA VAL A 180 12.06 1.93 -1.53
C VAL A 180 12.68 0.59 -1.88
N THR A 181 11.86 -0.40 -2.24
CA THR A 181 12.39 -1.68 -2.74
C THR A 181 11.64 -1.93 -4.06
N GLU A 182 12.18 -2.78 -4.93
CA GLU A 182 11.58 -3.00 -6.25
C GLU A 182 10.09 -3.37 -6.23
N ASP A 183 9.29 -2.58 -6.96
CA ASP A 183 7.87 -2.82 -7.12
C ASP A 183 7.42 -2.05 -8.35
N HIS A 184 6.32 -2.46 -8.93
CA HIS A 184 5.67 -1.71 -10.05
C HIS A 184 6.56 -1.50 -11.30
N MET A 185 7.52 -2.39 -11.51
CA MET A 185 8.42 -2.25 -12.66
C MET A 185 7.68 -2.28 -13.98
N ASP A 186 6.50 -2.88 -14.01
CA ASP A 186 5.67 -2.82 -15.22
C ASP A 186 5.24 -1.38 -15.56
N ARG A 187 5.33 -0.48 -14.57
CA ARG A 187 4.92 0.91 -14.70
C ARG A 187 6.09 1.91 -14.73
N TYR A 188 7.31 1.41 -14.58
CA TYR A 188 8.50 2.26 -14.52
C TYR A 188 9.57 1.64 -15.43
N PRO A 189 9.49 1.91 -16.75
CA PRO A 189 10.47 1.42 -17.74
C PRO A 189 11.88 2.03 -17.54
N PHE A 190 12.03 3.06 -16.69
CA PHE A 190 13.36 3.57 -16.34
C PHE A 190 13.82 3.06 -14.92
N GLY A 191 13.24 1.93 -14.52
CA GLY A 191 13.77 1.15 -13.39
C GLY A 191 13.55 1.78 -12.03
N LEU A 192 14.32 1.32 -11.05
CA LEU A 192 14.19 1.68 -9.63
C LEU A 192 14.29 3.16 -9.35
N GLN A 193 15.20 3.85 -10.07
CA GLN A 193 15.33 5.26 -9.83
C GLN A 193 14.15 6.09 -10.28
N GLN A 194 13.45 5.63 -11.32
CA GLN A 194 12.21 6.29 -11.77
C GLN A 194 11.08 6.13 -10.73
N TYR A 195 10.86 4.88 -10.32
CA TYR A 195 9.99 4.58 -9.21
C TYR A 195 10.30 5.43 -7.97
N ARG A 196 11.57 5.42 -7.51
CA ARG A 196 12.03 6.27 -6.37
C ARG A 196 11.73 7.73 -6.59
N ALA A 197 11.93 8.22 -7.84
CA ALA A 197 11.62 9.63 -8.21
C ALA A 197 10.18 10.03 -7.96
N ALA A 198 9.23 9.16 -8.29
CA ALA A 198 7.81 9.35 -7.97
C ALA A 198 7.59 9.47 -6.47
N KCX A 199 8.19 8.59 -5.69
CA KCX A 199 8.03 8.64 -4.21
CB KCX A 199 8.63 7.40 -3.60
CG KCX A 199 7.74 6.20 -3.80
CD KCX A 199 8.29 5.06 -2.97
CE KCX A 199 7.40 3.79 -3.05
NZ KCX A 199 5.93 3.98 -3.05
C KCX A 199 8.64 9.93 -3.61
O KCX A 199 8.08 10.51 -2.69
CX KCX A 199 5.01 3.09 -3.53
OQ1 KCX A 199 3.79 3.34 -3.48
OQ2 KCX A 199 5.34 1.98 -4.01
N LEU A 200 9.78 10.36 -4.16
CA LEU A 200 10.46 11.53 -3.65
C LEU A 200 9.61 12.81 -3.77
N ARG A 201 8.66 12.81 -4.69
CA ARG A 201 7.73 13.93 -4.88
C ARG A 201 6.98 14.31 -3.61
N ILE A 202 6.77 13.34 -2.71
CA ILE A 202 6.01 13.53 -1.43
C ILE A 202 6.64 14.60 -0.53
N TYR A 203 7.96 14.77 -0.63
CA TYR A 203 8.70 15.71 0.21
C TYR A 203 8.61 17.15 -0.29
N GLU A 204 8.21 17.35 -1.55
CA GLU A 204 8.23 18.72 -2.11
C GLU A 204 7.26 19.52 -1.29
N ASN A 205 7.77 20.63 -0.72
CA ASN A 205 6.96 21.53 0.09
C ASN A 205 6.41 20.94 1.41
N ALA A 206 7.03 19.88 1.88
CA ALA A 206 6.66 19.25 3.18
C ALA A 206 7.39 20.01 4.27
N LYS A 207 6.65 20.36 5.33
CA LYS A 207 7.19 21.07 6.49
C LYS A 207 8.31 20.26 7.18
N VAL A 208 8.07 18.96 7.40
CA VAL A 208 9.01 18.03 8.00
C VAL A 208 9.08 16.79 7.11
N CYS A 209 10.29 16.39 6.73
CA CYS A 209 10.49 15.15 5.99
C CYS A 209 11.00 14.11 6.95
N VAL A 210 10.38 12.92 6.99
CA VAL A 210 10.83 11.82 7.84
C VAL A 210 11.46 10.73 6.94
N VAL A 211 12.73 10.42 7.20
CA VAL A 211 13.45 9.49 6.31
C VAL A 211 13.95 8.30 7.09
N ASN A 212 14.22 7.21 6.38
CA ASN A 212 14.76 5.97 6.95
C ASN A 212 16.30 5.99 6.91
N ALA A 213 16.91 6.16 8.08
CA ALA A 213 18.37 6.23 8.16
C ALA A 213 19.03 4.97 7.64
N ASP A 214 18.27 3.88 7.57
CA ASP A 214 18.76 2.61 7.06
C ASP A 214 18.48 2.42 5.57
N ASP A 215 17.82 3.38 4.93
CA ASP A 215 17.50 3.26 3.49
C ASP A 215 17.78 4.55 2.78
N ALA A 216 18.97 4.63 2.19
CA ALA A 216 19.41 5.84 1.48
C ALA A 216 18.46 6.29 0.33
N LEU A 217 17.75 5.36 -0.28
CA LEU A 217 16.80 5.71 -1.37
C LEU A 217 15.64 6.59 -0.85
N THR A 218 15.38 6.53 0.46
CA THR A 218 14.28 7.34 1.06
C THR A 218 14.72 8.81 1.22
N MET A 219 16.00 9.08 0.97
CA MET A 219 16.57 10.40 1.17
C MET A 219 16.27 11.32 -0.01
N PRO A 220 16.08 12.61 0.28
CA PRO A 220 15.92 13.61 -0.77
C PRO A 220 17.23 14.18 -1.27
N ILE A 221 17.32 15.51 -1.35
CA ILE A 221 18.56 16.18 -1.75
C ILE A 221 18.47 17.67 -1.50
N ARG A 227 17.17 19.99 7.19
CA ARG A 227 17.39 18.55 7.29
C ARG A 227 16.08 17.77 7.61
N CYS A 228 16.07 16.50 7.26
CA CYS A 228 14.99 15.59 7.59
C CYS A 228 15.15 14.95 8.95
N VAL A 229 14.04 14.73 9.65
CA VAL A 229 14.06 13.88 10.85
C VAL A 229 14.21 12.43 10.40
N SER A 230 15.02 11.65 11.09
CA SER A 230 15.26 10.27 10.69
C SER A 230 14.75 9.20 11.67
N PHE A 231 14.37 8.03 11.16
CA PHE A 231 14.21 6.86 12.04
C PHE A 231 15.09 5.71 11.54
N GLY A 232 15.51 4.85 12.45
CA GLY A 232 16.27 3.65 12.09
C GLY A 232 16.41 2.65 13.23
N VAL A 233 17.13 1.56 12.97
CA VAL A 233 17.30 0.48 13.98
C VAL A 233 18.34 0.89 15.01
N ASN A 234 19.57 1.16 14.56
CA ASN A 234 20.67 1.54 15.46
C ASN A 234 21.05 3.00 15.35
N MET A 235 20.46 3.72 14.40
CA MET A 235 20.77 5.13 14.22
C MET A 235 19.55 5.93 13.81
N GLY A 236 19.60 7.25 13.99
CA GLY A 236 18.46 8.10 13.69
C GLY A 236 17.94 8.85 14.90
N ASP A 237 17.21 9.93 14.65
CA ASP A 237 16.56 10.71 15.70
C ASP A 237 15.56 9.84 16.46
N TYR A 238 14.99 8.86 15.74
CA TYR A 238 14.06 7.86 16.30
C TYR A 238 14.67 6.52 16.08
N HIS A 239 14.95 5.79 17.15
CA HIS A 239 15.73 4.58 17.04
C HIS A 239 15.36 3.47 18.06
N LEU A 240 15.95 2.29 17.87
CA LEU A 240 15.72 1.15 18.77
C LEU A 240 16.95 0.98 19.69
N ASN A 241 16.72 0.57 20.93
CA ASN A 241 17.85 0.40 21.86
C ASN A 241 17.91 -1.01 22.51
N GLU A 246 15.08 -7.30 25.67
CA GLU A 246 13.91 -6.47 25.32
C GLU A 246 14.29 -5.30 24.41
N THR A 247 13.29 -4.63 23.86
CA THR A 247 13.50 -3.55 22.89
C THR A 247 12.66 -2.33 23.28
N TRP A 248 13.31 -1.18 23.22
CA TRP A 248 12.70 0.09 23.51
C TRP A 248 12.72 0.97 22.27
N LEU A 249 11.63 1.74 22.08
CA LEU A 249 11.61 2.87 21.13
C LEU A 249 12.23 4.04 21.85
N ARG A 250 13.16 4.73 21.18
CA ARG A 250 13.85 5.87 21.78
C ARG A 250 13.75 7.07 20.87
N VAL A 251 13.75 8.25 21.47
CA VAL A 251 13.85 9.50 20.73
C VAL A 251 15.04 10.25 21.28
N LYS A 252 16.09 10.37 20.45
CA LYS A 252 17.30 11.15 20.77
C LYS A 252 17.97 10.70 22.07
N GLY A 253 18.08 9.40 22.28
CA GLY A 253 18.76 8.89 23.47
C GLY A 253 17.80 8.57 24.60
N GLU A 254 16.59 9.14 24.56
CA GLU A 254 15.56 8.99 25.59
C GLU A 254 14.58 7.82 25.32
N LYS A 255 14.49 6.86 26.24
CA LYS A 255 13.44 5.79 26.18
C LYS A 255 12.03 6.39 26.25
N VAL A 256 11.20 6.00 25.30
CA VAL A 256 9.79 6.37 25.31
C VAL A 256 8.78 5.19 25.41
N LEU A 257 9.18 4.00 25.00
CA LEU A 257 8.24 2.86 25.02
C LEU A 257 8.96 1.53 25.00
N ASN A 258 8.64 0.67 25.99
CA ASN A 258 9.06 -0.72 26.02
C ASN A 258 8.13 -1.52 25.10
N VAL A 259 8.69 -2.10 24.06
CA VAL A 259 7.85 -2.66 23.02
C VAL A 259 6.98 -3.83 23.47
N LYS A 260 7.22 -4.31 24.68
CA LYS A 260 6.34 -5.33 25.28
C LYS A 260 4.90 -4.84 25.48
N GLU A 261 4.74 -3.52 25.46
CA GLU A 261 3.42 -2.90 25.60
C GLU A 261 2.68 -2.85 24.26
N MET A 262 3.39 -3.09 23.16
CA MET A 262 2.78 -3.13 21.84
C MET A 262 2.17 -4.50 21.58
N LYS A 263 1.08 -4.52 20.81
CA LYS A 263 0.51 -5.77 20.30
C LYS A 263 1.26 -6.23 19.03
N LEU A 264 1.72 -5.28 18.21
CA LEU A 264 2.57 -5.60 17.07
C LEU A 264 3.93 -6.12 17.51
N SER A 265 4.49 -7.01 16.69
CA SER A 265 5.79 -7.56 16.97
C SER A 265 6.66 -7.59 15.71
N GLY A 266 7.95 -7.81 15.89
CA GLY A 266 8.88 -7.77 14.79
C GLY A 266 9.56 -6.43 14.66
N GLN A 267 10.85 -6.49 14.37
CA GLN A 267 11.67 -5.32 14.10
C GLN A 267 11.09 -4.33 13.10
N HIS A 268 10.48 -4.82 12.02
CA HIS A 268 9.94 -3.89 11.01
C HIS A 268 8.72 -3.13 11.52
N ASN A 269 7.94 -3.74 12.42
CA ASN A 269 6.81 -3.06 12.98
C ASN A 269 7.26 -2.09 14.08
N TYR A 270 8.41 -2.35 14.67
CA TYR A 270 9.06 -1.41 15.58
C TYR A 270 9.56 -0.14 14.89
N THR A 271 10.19 -0.28 13.72
CA THR A 271 10.58 0.90 12.90
C THR A 271 9.32 1.61 12.33
N ASN A 272 8.27 0.86 11.95
CA ASN A 272 6.97 1.44 11.62
C ASN A 272 6.41 2.33 12.75
N ALA A 273 6.61 1.88 13.97
CA ALA A 273 6.19 2.58 15.18
C ALA A 273 6.94 3.90 15.38
N LEU A 274 8.26 3.88 15.18
CA LEU A 274 9.13 5.11 15.17
C LEU A 274 8.69 6.08 14.09
N ALA A 275 8.46 5.56 12.88
CA ALA A 275 8.02 6.41 11.74
C ALA A 275 6.72 7.11 12.10
N ALA A 276 5.76 6.35 12.64
CA ALA A 276 4.47 6.95 12.99
C ALA A 276 4.63 7.99 14.07
N LEU A 277 5.47 7.68 15.05
CA LEU A 277 5.68 8.59 16.18
C LEU A 277 6.33 9.87 15.68
N ALA A 278 7.24 9.71 14.72
CA ALA A 278 7.98 10.85 14.19
C ALA A 278 7.00 11.78 13.46
N LEU A 279 6.10 11.16 12.70
CA LEU A 279 5.10 11.97 11.92
C LEU A 279 4.08 12.57 12.88
N ALA A 280 3.62 11.77 13.84
CA ALA A 280 2.69 12.37 14.83
C ALA A 280 3.29 13.57 15.56
N ASP A 281 4.56 13.45 15.96
CA ASP A 281 5.31 14.49 16.69
C ASP A 281 5.45 15.75 15.82
N ALA A 282 5.81 15.55 14.55
CA ALA A 282 5.90 16.64 13.60
C ALA A 282 4.52 17.31 13.40
N ALA A 283 3.46 16.53 13.46
CA ALA A 283 2.10 17.05 13.25
C ALA A 283 1.55 17.76 14.48
N GLY A 284 2.25 17.60 15.62
CA GLY A 284 1.89 18.31 16.84
C GLY A 284 0.96 17.57 17.79
N LEU A 285 0.80 16.27 17.59
CA LEU A 285 0.01 15.44 18.50
C LEU A 285 0.78 15.14 19.79
N PRO A 286 0.08 15.16 20.96
CA PRO A 286 0.71 14.90 22.26
C PRO A 286 1.30 13.51 22.32
N ARG A 287 2.52 13.38 22.85
CA ARG A 287 3.16 12.04 22.87
C ARG A 287 2.51 10.98 23.75
N ALA A 288 1.79 11.41 24.78
CA ALA A 288 1.15 10.48 25.68
C ALA A 288 0.11 9.70 24.93
N SER A 289 -0.79 10.41 24.24
CA SER A 289 -1.83 9.77 23.46
C SER A 289 -1.24 9.01 22.26
N SER A 290 -0.15 9.53 21.67
CA SER A 290 0.49 8.82 20.55
C SER A 290 1.09 7.48 21.02
N LEU A 291 1.85 7.51 22.11
CA LEU A 291 2.39 6.26 22.69
C LEU A 291 1.28 5.30 23.14
N LYS A 292 0.18 5.83 23.63
CA LYS A 292 -0.98 4.98 24.00
C LYS A 292 -1.56 4.18 22.80
N ALA A 293 -1.76 4.87 21.70
CA ALA A 293 -2.25 4.26 20.49
C ALA A 293 -1.35 3.07 20.05
N LEU A 294 -0.07 3.16 20.35
CA LEU A 294 0.92 2.14 19.99
C LEU A 294 0.71 0.84 20.77
N THR A 295 0.13 0.96 21.96
CA THR A 295 -0.14 -0.19 22.81
C THR A 295 -1.52 -0.82 22.53
N THR A 296 -2.39 -0.10 21.80
CA THR A 296 -3.73 -0.61 21.48
C THR A 296 -3.90 -1.16 20.05
N PHE A 297 -3.17 -0.58 19.10
CA PHE A 297 -3.20 -1.10 17.72
C PHE A 297 -2.88 -2.61 17.54
N THR A 298 -3.85 -3.36 17.02
CA THR A 298 -3.68 -4.81 16.83
C THR A 298 -3.12 -5.28 15.46
N GLY A 299 -3.12 -4.41 14.46
CA GLY A 299 -2.63 -4.85 13.15
C GLY A 299 -3.76 -4.77 12.14
N LEU A 300 -3.40 -4.87 10.87
CA LEU A 300 -4.38 -4.80 9.77
C LEU A 300 -4.72 -6.21 9.30
N PRO A 301 -5.92 -6.41 8.72
CA PRO A 301 -6.18 -7.72 8.11
C PRO A 301 -5.24 -7.92 6.93
N HIS A 302 -4.83 -9.19 6.70
CA HIS A 302 -3.98 -9.54 5.53
C HIS A 302 -2.51 -9.18 5.71
N ARG A 303 -2.16 -8.61 6.85
CA ARG A 303 -0.80 -8.23 7.13
C ARG A 303 -0.28 -9.15 8.23
N PHE A 304 0.47 -10.16 7.81
CA PHE A 304 0.91 -11.22 8.70
C PHE A 304 -0.11 -11.60 9.78
N GLU A 305 -1.30 -11.96 9.34
CA GLU A 305 -2.44 -12.13 10.20
C GLU A 305 -2.72 -13.60 10.48
N VAL A 306 -2.62 -13.99 11.75
CA VAL A 306 -2.89 -15.40 12.11
C VAL A 306 -4.38 -15.63 11.96
N VAL A 307 -4.77 -16.44 10.99
CA VAL A 307 -6.17 -16.73 10.78
C VAL A 307 -6.64 -18.04 11.45
N LEU A 308 -5.69 -18.94 11.74
CA LEU A 308 -5.96 -20.24 12.38
C LEU A 308 -4.69 -20.69 13.08
N GLU A 309 -4.82 -21.04 14.36
CA GLU A 309 -3.79 -21.73 15.08
C GLU A 309 -4.47 -22.91 15.78
N HIS A 310 -4.42 -24.09 15.15
CA HIS A 310 -5.13 -25.24 15.62
C HIS A 310 -4.26 -26.48 15.38
N ASN A 311 -4.30 -27.47 16.28
CA ASN A 311 -3.53 -28.74 16.07
C ASN A 311 -1.99 -28.64 15.85
N GLY A 312 -1.37 -27.64 16.48
CA GLY A 312 0.05 -27.38 16.39
C GLY A 312 0.54 -26.67 15.14
N VAL A 313 -0.39 -26.03 14.39
CA VAL A 313 -0.06 -25.42 13.08
C VAL A 313 -0.65 -24.03 13.02
N ARG A 314 0.18 -23.05 12.70
CA ARG A 314 -0.33 -21.70 12.47
C ARG A 314 -0.52 -21.40 10.98
N TRP A 315 -1.69 -20.86 10.61
CA TRP A 315 -1.98 -20.44 9.22
C TRP A 315 -1.95 -18.90 9.19
N ILE A 316 -1.04 -18.32 8.44
CA ILE A 316 -0.82 -16.87 8.45
C ILE A 316 -1.21 -16.27 7.10
N ASN A 317 -2.18 -15.37 7.13
CA ASN A 317 -2.55 -14.60 5.98
C ASN A 317 -1.72 -13.33 5.91
N ASP A 318 -0.72 -13.36 5.05
CA ASP A 318 0.04 -12.18 4.68
C ASP A 318 -0.23 -11.84 3.18
N SER A 319 -1.49 -11.91 2.75
CA SER A 319 -1.90 -11.52 1.38
C SER A 319 -1.48 -10.07 0.98
N LYS A 320 -1.28 -9.19 1.96
CA LYS A 320 -0.85 -7.82 1.68
C LYS A 320 0.62 -7.74 1.17
N ALA A 321 1.37 -8.83 1.27
CA ALA A 321 2.70 -8.93 0.71
C ALA A 321 2.64 -9.02 -0.82
N THR A 322 2.60 -7.87 -1.46
CA THR A 322 2.41 -7.82 -2.91
C THR A 322 3.71 -7.53 -3.65
N ASN A 323 4.82 -7.51 -2.92
CA ASN A 323 6.15 -7.31 -3.55
C ASN A 323 7.19 -8.12 -2.81
N VAL A 324 8.36 -8.25 -3.41
CA VAL A 324 9.47 -9.02 -2.82
C VAL A 324 9.92 -8.50 -1.45
N GLY A 325 10.02 -7.18 -1.30
CA GLY A 325 10.49 -6.59 -0.03
C GLY A 325 9.53 -6.90 1.14
N SER A 326 8.27 -7.00 0.81
CA SER A 326 7.27 -7.33 1.78
C SER A 326 7.37 -8.78 2.28
N THR A 327 7.46 -9.71 1.34
CA THR A 327 7.66 -11.09 1.67
C THR A 327 8.97 -11.29 2.45
N GLU A 328 10.03 -10.61 2.03
CA GLU A 328 11.21 -10.59 2.87
C GLU A 328 11.10 -10.17 4.32
N ALA A 329 10.33 -9.13 4.57
CA ALA A 329 9.99 -8.70 5.93
C ALA A 329 9.24 -9.77 6.74
N ALA A 330 8.56 -10.65 6.03
CA ALA A 330 7.88 -11.82 6.64
C ALA A 330 8.85 -12.99 6.93
N LEU A 331 9.83 -13.23 6.03
CA LEU A 331 10.74 -14.36 6.15
C LEU A 331 11.95 -14.07 7.04
N ASN A 332 12.42 -12.81 7.03
CA ASN A 332 13.65 -12.37 7.73
C ASN A 332 13.56 -12.50 9.25
N GLY A 333 14.25 -13.50 9.80
CA GLY A 333 14.21 -13.86 11.23
C GLY A 333 12.95 -14.64 11.68
N LEU A 334 12.26 -15.25 10.73
CA LEU A 334 11.03 -15.97 11.02
C LEU A 334 11.35 -17.22 11.80
N HIS A 335 10.57 -17.47 12.86
CA HIS A 335 10.75 -18.68 13.64
C HIS A 335 9.76 -19.80 13.30
N VAL A 336 10.23 -20.92 12.81
CA VAL A 336 9.33 -22.02 12.52
C VAL A 336 9.83 -23.30 13.24
N ASP A 337 8.98 -23.95 14.02
CA ASP A 337 9.41 -25.16 14.73
C ASP A 337 9.58 -26.37 13.79
N GLY A 338 8.61 -26.61 12.91
CA GLY A 338 8.66 -27.71 11.97
C GLY A 338 9.00 -27.26 10.55
N THR A 339 8.09 -27.51 9.62
CA THR A 339 8.28 -27.10 8.24
C THR A 339 7.47 -25.83 7.90
N LEU A 340 8.09 -24.91 7.15
CA LEU A 340 7.37 -23.75 6.59
C LEU A 340 6.82 -24.09 5.20
N HIS A 341 5.49 -24.02 5.04
CA HIS A 341 4.78 -24.23 3.74
C HIS A 341 4.46 -22.85 3.21
N LEU A 342 5.32 -22.34 2.32
CA LEU A 342 5.20 -20.96 1.81
C LEU A 342 4.46 -20.89 0.45
N LEU A 343 3.35 -20.15 0.43
CA LEU A 343 2.57 -19.94 -0.80
C LEU A 343 3.03 -18.67 -1.53
N LEU A 344 3.46 -18.83 -2.77
CA LEU A 344 3.98 -17.69 -3.54
C LEU A 344 3.25 -17.65 -4.86
N GLY A 345 2.90 -16.47 -5.35
CA GLY A 345 2.21 -16.48 -6.63
C GLY A 345 1.46 -15.28 -7.05
N GLY A 346 1.16 -15.19 -8.34
CA GLY A 346 0.32 -14.11 -8.86
C GLY A 346 1.06 -13.36 -9.95
N ASP A 347 0.84 -12.04 -10.01
CA ASP A 347 1.47 -11.17 -11.04
C ASP A 347 2.64 -10.44 -10.38
N GLY A 348 3.85 -10.90 -10.71
CA GLY A 348 5.09 -10.34 -10.12
C GLY A 348 5.52 -8.95 -10.57
N LYS A 349 4.83 -8.40 -11.57
CA LYS A 349 5.05 -7.01 -12.05
C LYS A 349 6.48 -6.82 -12.54
N SER A 350 6.96 -7.88 -13.21
CA SER A 350 8.36 -8.02 -13.69
C SER A 350 9.44 -7.94 -12.63
N ALA A 351 9.10 -8.19 -11.36
CA ALA A 351 10.07 -8.11 -10.28
C ALA A 351 11.19 -9.17 -10.39
N ASP A 352 12.36 -8.87 -9.85
CA ASP A 352 13.37 -9.92 -9.62
C ASP A 352 13.09 -10.61 -8.26
N PHE A 353 12.68 -11.88 -8.31
CA PHE A 353 12.39 -12.67 -7.08
C PHE A 353 13.61 -13.25 -6.39
N SER A 354 14.79 -13.19 -7.02
CA SER A 354 15.97 -13.90 -6.48
C SER A 354 16.38 -13.45 -5.04
N PRO A 355 16.12 -12.18 -4.64
CA PRO A 355 16.37 -11.88 -3.21
C PRO A 355 15.66 -12.76 -2.16
N LEU A 356 14.65 -13.50 -2.56
CA LEU A 356 13.97 -14.43 -1.64
C LEU A 356 14.77 -15.72 -1.43
N ALA A 357 15.64 -16.07 -2.39
CA ALA A 357 16.34 -17.36 -2.38
C ALA A 357 17.04 -17.65 -1.05
N ARG A 358 17.68 -16.61 -0.52
CA ARG A 358 18.43 -16.57 0.72
C ARG A 358 17.70 -17.14 1.93
N TYR A 359 16.38 -17.00 1.97
CA TYR A 359 15.61 -17.49 3.13
C TYR A 359 15.01 -18.89 2.91
N LEU A 360 15.30 -19.50 1.78
CA LEU A 360 14.59 -20.70 1.39
C LEU A 360 15.51 -21.93 1.29
N ASN A 361 16.63 -21.88 2.00
CA ASN A 361 17.49 -23.06 2.11
C ASN A 361 17.04 -23.88 3.30
N GLY A 362 17.56 -25.10 3.41
CA GLY A 362 17.28 -25.93 4.56
C GLY A 362 16.31 -27.06 4.27
N ASP A 363 16.12 -27.90 5.27
CA ASP A 363 15.34 -29.12 5.14
C ASP A 363 13.90 -28.84 5.57
N ASN A 364 13.65 -27.60 6.02
CA ASN A 364 12.37 -27.27 6.61
C ASN A 364 11.49 -26.23 5.85
N VAL A 365 11.64 -26.18 4.53
CA VAL A 365 10.83 -25.31 3.67
C VAL A 365 10.24 -26.01 2.43
N ARG A 366 8.99 -25.69 2.11
CA ARG A 366 8.30 -26.21 0.95
C ARG A 366 7.64 -25.02 0.27
N LEU A 367 7.77 -24.96 -1.05
CA LEU A 367 7.19 -23.86 -1.81
C LEU A 367 6.01 -24.37 -2.57
N TYR A 368 4.94 -23.56 -2.60
CA TYR A 368 3.75 -23.85 -3.35
C TYR A 368 3.41 -22.60 -4.18
N CYS A 369 3.69 -22.69 -5.49
CA CYS A 369 3.66 -21.54 -6.39
C CYS A 369 2.52 -21.57 -7.38
N PHE A 370 1.89 -20.41 -7.61
CA PHE A 370 0.68 -20.35 -8.44
C PHE A 370 0.58 -19.02 -9.19
N GLY A 371 -0.48 -18.87 -9.98
CA GLY A 371 -0.76 -17.61 -10.65
C GLY A 371 0.10 -17.37 -11.88
N ARG A 372 -0.11 -16.22 -12.51
CA ARG A 372 0.67 -15.85 -13.69
C ARG A 372 2.16 -16.21 -13.61
N ASP A 373 2.85 -15.81 -12.54
CA ASP A 373 4.31 -16.06 -12.43
C ASP A 373 4.72 -17.27 -11.64
N GLY A 374 3.85 -18.26 -11.49
CA GLY A 374 4.18 -19.42 -10.66
C GLY A 374 5.46 -20.14 -11.05
N ALA A 375 5.63 -20.40 -12.34
CA ALA A 375 6.83 -21.10 -12.81
C ALA A 375 8.13 -20.35 -12.41
N GLN A 376 8.10 -19.01 -12.45
CA GLN A 376 9.25 -18.16 -12.07
C GLN A 376 9.60 -18.31 -10.59
N LEU A 377 8.56 -18.39 -9.75
CA LEU A 377 8.71 -18.54 -8.30
C LEU A 377 9.18 -19.94 -7.90
N ALA A 378 8.59 -20.98 -8.51
CA ALA A 378 9.08 -22.38 -8.33
C ALA A 378 10.57 -22.54 -8.64
N ALA A 379 11.01 -21.79 -9.63
CA ALA A 379 12.38 -21.82 -10.03
C ALA A 379 13.38 -21.26 -8.98
N LEU A 380 12.89 -20.64 -7.90
CA LEU A 380 13.79 -20.19 -6.82
C LEU A 380 14.53 -21.39 -6.13
N ARG A 381 13.83 -22.53 -6.12
CA ARG A 381 14.35 -23.79 -5.57
C ARG A 381 13.47 -24.94 -5.97
N PRO A 382 13.62 -25.43 -7.22
CA PRO A 382 12.71 -26.40 -7.84
C PRO A 382 12.59 -27.72 -7.04
N GLU A 383 13.66 -28.10 -6.34
CA GLU A 383 13.71 -29.35 -5.59
C GLU A 383 12.82 -29.39 -4.34
N VAL A 384 12.37 -28.21 -3.89
CA VAL A 384 11.41 -28.15 -2.76
C VAL A 384 10.10 -27.44 -3.15
N ALA A 385 9.95 -27.17 -4.45
CA ALA A 385 8.85 -26.39 -4.99
C ALA A 385 7.80 -27.26 -5.69
N GLU A 386 6.54 -26.86 -5.57
CA GLU A 386 5.41 -27.44 -6.33
C GLU A 386 4.71 -26.28 -7.04
N GLN A 387 4.27 -26.49 -8.29
CA GLN A 387 3.56 -25.44 -9.06
C GLN A 387 2.13 -25.85 -9.38
N THR A 388 1.23 -24.90 -9.24
CA THR A 388 -0.17 -25.14 -9.53
C THR A 388 -0.74 -23.95 -10.25
N GLU A 389 -1.95 -24.05 -10.79
CA GLU A 389 -2.57 -22.88 -11.40
C GLU A 389 -3.12 -21.89 -10.37
N THR A 390 -3.85 -22.41 -9.38
CA THR A 390 -4.53 -21.57 -8.37
C THR A 390 -3.98 -21.74 -6.94
N MET A 391 -4.30 -20.77 -6.08
CA MET A 391 -3.97 -20.80 -4.65
C MET A 391 -4.77 -21.92 -3.98
N GLU A 392 -6.04 -22.06 -4.35
CA GLU A 392 -6.89 -23.19 -3.88
C GLU A 392 -6.29 -24.57 -4.17
N GLN A 393 -5.84 -24.82 -5.40
CA GLN A 393 -5.11 -26.06 -5.70
C GLN A 393 -3.84 -26.23 -4.86
N ALA A 394 -3.12 -25.14 -4.64
CA ALA A 394 -1.88 -25.21 -3.84
C ALA A 394 -2.18 -25.53 -2.39
N MET A 395 -3.21 -24.89 -1.83
CA MET A 395 -3.59 -25.15 -0.45
C MET A 395 -4.07 -26.62 -0.22
N ARG A 396 -4.84 -27.15 -1.17
CA ARG A 396 -5.27 -28.57 -1.09
C ARG A 396 -4.13 -29.52 -1.31
N LEU A 397 -3.09 -29.03 -1.99
CA LEU A 397 -1.90 -29.81 -2.20
C LEU A 397 -1.06 -29.86 -0.91
N LEU A 398 -0.82 -28.70 -0.29
CA LEU A 398 -0.03 -28.66 0.91
C LEU A 398 -0.69 -29.26 2.15
N ALA A 399 -2.00 -29.07 2.26
CA ALA A 399 -2.79 -29.50 3.46
C ALA A 399 -2.44 -30.90 4.00
N PRO A 400 -2.59 -31.97 3.16
CA PRO A 400 -2.25 -33.32 3.68
C PRO A 400 -0.85 -33.42 4.29
N ARG A 401 0.08 -32.58 3.85
CA ARG A 401 1.45 -32.71 4.31
C ARG A 401 1.79 -31.97 5.58
N VAL A 402 0.90 -31.08 6.05
CA VAL A 402 1.25 -30.20 7.18
C VAL A 402 1.30 -31.05 8.48
N GLN A 403 2.27 -30.77 9.35
CA GLN A 403 2.38 -31.51 10.59
C GLN A 403 2.42 -30.57 11.79
N PRO A 404 2.21 -31.13 12.97
CA PRO A 404 2.30 -30.32 14.19
C PRO A 404 3.66 -29.65 14.31
N GLY A 405 3.65 -28.34 14.51
CA GLY A 405 4.90 -27.56 14.54
C GLY A 405 5.14 -26.79 13.25
N ASP A 406 4.39 -27.14 12.19
CA ASP A 406 4.50 -26.47 10.89
C ASP A 406 3.85 -25.08 10.85
N MET A 407 4.31 -24.29 9.87
CA MET A 407 3.61 -23.03 9.53
C MET A 407 3.22 -23.00 8.04
N VAL A 408 1.98 -22.58 7.77
CA VAL A 408 1.51 -22.35 6.39
C VAL A 408 1.42 -20.84 6.22
N LEU A 409 2.23 -20.29 5.33
CA LEU A 409 2.27 -18.85 5.13
C LEU A 409 1.97 -18.44 3.70
N LEU A 410 0.90 -17.65 3.57
CA LEU A 410 0.54 -16.99 2.33
C LEU A 410 1.25 -15.61 2.34
N SER A 411 2.35 -15.47 1.61
CA SER A 411 3.11 -14.21 1.49
C SER A 411 3.69 -14.19 0.08
N PRO A 412 2.79 -13.96 -0.90
CA PRO A 412 2.90 -14.28 -2.30
C PRO A 412 3.91 -13.49 -3.08
N ALA A 413 4.36 -12.33 -2.59
CA ALA A 413 5.39 -11.51 -3.29
C ALA A 413 4.90 -10.87 -4.60
N CYS A 414 3.58 -10.91 -4.82
CA CYS A 414 2.96 -10.55 -6.13
C CYS A 414 1.60 -9.90 -5.96
N ALA A 415 1.21 -9.13 -6.97
CA ALA A 415 -0.19 -8.68 -7.10
C ALA A 415 -1.08 -9.91 -7.26
N SER A 416 -2.33 -9.76 -6.83
CA SER A 416 -3.38 -10.77 -6.99
C SER A 416 -4.25 -10.54 -8.22
N LEU A 417 -3.99 -9.47 -8.97
CA LEU A 417 -4.95 -9.02 -9.99
C LEU A 417 -5.11 -9.96 -11.18
N ASP A 418 -4.16 -10.88 -11.37
CA ASP A 418 -4.31 -11.91 -12.43
C ASP A 418 -5.44 -12.89 -12.16
N GLN A 419 -5.86 -13.04 -10.90
CA GLN A 419 -6.86 -14.07 -10.50
C GLN A 419 -7.90 -13.65 -9.43
N PHE A 420 -7.76 -12.45 -8.84
CA PHE A 420 -8.56 -12.03 -7.70
C PHE A 420 -8.91 -10.57 -7.94
N LYS A 421 -9.92 -10.10 -7.20
CA LYS A 421 -10.37 -8.72 -7.27
C LYS A 421 -9.34 -7.77 -6.72
N ASN A 422 -8.69 -8.19 -5.63
CA ASN A 422 -7.70 -7.43 -4.87
C ASN A 422 -7.01 -8.41 -3.89
N PHE A 423 -5.98 -7.97 -3.18
CA PHE A 423 -5.28 -8.86 -2.24
C PHE A 423 -6.21 -9.24 -1.03
N GLU A 424 -7.19 -8.39 -0.70
CA GLU A 424 -8.17 -8.75 0.35
C GLU A 424 -9.02 -10.01 0.02
N GLN A 425 -9.48 -10.16 -1.21
CA GLN A 425 -10.24 -11.34 -1.61
C GLN A 425 -9.33 -12.59 -1.58
N ARG A 426 -8.08 -12.41 -2.04
CA ARG A 426 -7.06 -13.45 -1.95
C ARG A 426 -6.87 -13.89 -0.51
N GLY A 427 -6.72 -12.92 0.40
CA GLY A 427 -6.59 -13.18 1.83
C GLY A 427 -7.82 -13.85 2.42
N ASN A 428 -9.00 -13.35 2.07
CA ASN A 428 -10.28 -13.94 2.53
C ASN A 428 -10.48 -15.40 2.08
N GLU A 429 -10.03 -15.73 0.87
CA GLU A 429 -10.14 -17.08 0.31
C GLU A 429 -9.13 -18.00 1.04
N PHE A 430 -7.94 -17.45 1.32
CA PHE A 430 -6.93 -18.15 2.07
C PHE A 430 -7.47 -18.55 3.44
N ALA A 431 -8.11 -17.62 4.14
CA ALA A 431 -8.52 -17.87 5.51
C ALA A 431 -9.62 -18.93 5.52
N ARG A 432 -10.54 -18.85 4.56
CA ARG A 432 -11.63 -19.80 4.33
C ARG A 432 -11.11 -21.23 4.17
N LEU A 433 -10.08 -21.37 3.32
CA LEU A 433 -9.48 -22.65 3.00
C LEU A 433 -8.70 -23.19 4.20
N ALA A 434 -7.91 -22.31 4.83
CA ALA A 434 -7.20 -22.70 6.07
C ALA A 434 -8.14 -23.32 7.09
N LYS A 435 -9.27 -22.65 7.34
CA LYS A 435 -10.27 -23.11 8.33
C LYS A 435 -10.93 -24.42 7.94
N GLU A 436 -11.12 -24.62 6.63
CA GLU A 436 -11.59 -25.88 6.07
C GLU A 436 -10.56 -27.01 6.15
N LEU A 437 -9.31 -26.71 5.81
CA LEU A 437 -8.28 -27.75 5.78
C LEU A 437 -7.51 -27.93 7.07
N GLY A 438 -7.73 -27.02 8.02
CA GLY A 438 -6.96 -26.95 9.26
C GLY A 438 -7.65 -27.55 10.49
N SER A 439 -8.83 -28.13 10.27
CA SER A 439 -9.58 -28.78 11.33
C SER A 439 -10.12 -30.08 10.77
N HIS A 440 -10.11 -31.13 11.60
CA HIS A 440 -10.64 -32.42 11.17
C HIS A 440 -12.14 -32.30 10.94
N HIS A 441 -12.67 -32.91 10.00
O28 LK1 B . -1.58 -0.52 -7.66
S11 LK1 B . -1.57 -1.53 -8.65
O27 LK1 B . -0.32 -1.60 -9.30
N LK1 B . -1.88 -2.97 -8.05
CA LK1 B . -1.58 -3.53 -6.74
C LK1 B . -0.14 -3.92 -6.48
OXT LK1 B . 0.38 -4.87 -7.05
O LK1 B . 0.45 -3.14 -5.72
CB LK1 B . -2.47 -4.76 -6.63
CG LK1 B . -2.48 -5.30 -5.23
CD LK1 B . -3.49 -6.40 -5.12
OE2 LK1 B . -3.18 -7.50 -5.55
OE1 LK1 B . -4.57 -6.14 -4.58
C12 LK1 B . -2.72 -1.33 -9.72
C17 LK1 B . -2.60 -2.08 -10.87
C16 LK1 B . -3.54 -2.05 -11.87
C15 LK1 B . -4.65 -1.25 -11.71
C21 LK1 B . -5.56 -1.22 -12.74
C20 LK1 B . -6.70 -0.46 -12.63
C19 LK1 B . -6.90 0.32 -11.49
C18 LK1 B . -5.97 0.32 -10.47
C14 LK1 B . -4.82 -0.49 -10.57
C13 LK1 B . -3.85 -0.52 -9.55
O22 LK1 B . -7.58 -0.45 -13.66
C23 LK1 B . -8.06 0.82 -14.06
C24 LK1 B . -7.36 1.35 -15.28
C25 LK1 B . -8.05 2.61 -15.75
C26 LK1 B . -8.14 2.72 -17.25
S SO4 C . 1.59 -2.38 5.09
O1 SO4 C . 1.79 -1.62 6.32
O2 SO4 C . 1.36 -1.44 3.99
O3 SO4 C . 2.82 -3.12 4.75
O4 SO4 C . 0.54 -3.32 5.28
#